data_8ZG4
#
_entry.id   8ZG4
#
_entity_poly.entity_id   1
_entity_poly.type   'polypeptide(L)'
_entity_poly.pdbx_seq_one_letter_code
;YRQSEATSSFG
;
_entity_poly.pdbx_strand_id   A
#
# COMPACT_ATOMS: atom_id res chain seq x y z
N TYR A 1 -6.18 -3.18 4.45
CA TYR A 1 -5.81 -2.31 3.30
C TYR A 1 -5.48 -0.90 3.80
N ARG A 2 -4.43 -0.32 3.23
CA ARG A 2 -3.99 1.02 3.59
C ARG A 2 -4.46 2.00 2.51
N GLN A 3 -5.11 3.09 2.93
CA GLN A 3 -5.61 4.09 2.00
C GLN A 3 -4.47 4.72 1.21
N SER A 4 -3.35 4.96 1.89
CA SER A 4 -2.18 5.55 1.24
C SER A 4 -1.68 4.64 0.14
N GLU A 5 -1.07 5.23 -0.88
CA GLU A 5 -0.50 4.44 -1.98
C GLU A 5 0.58 3.55 -1.39
N ALA A 6 0.19 2.32 -1.06
CA ALA A 6 1.10 1.36 -0.45
C ALA A 6 2.36 1.21 -1.29
N THR A 7 3.50 1.13 -0.60
CA THR A 7 4.80 1.01 -1.27
C THR A 7 5.49 -0.26 -0.82
N SER A 8 6.19 -0.91 -1.77
CA SER A 8 6.90 -2.18 -1.49
C SER A 8 5.91 -3.32 -1.33
N SER A 9 4.96 -3.14 -0.40
CA SER A 9 3.93 -4.13 -0.14
C SER A 9 3.11 -4.34 -1.42
N PHE A 10 2.73 -3.23 -2.06
CA PHE A 10 1.94 -3.26 -3.29
C PHE A 10 0.75 -4.22 -3.16
N GLY A 11 0.18 -4.28 -1.95
CA GLY A 11 -0.97 -5.14 -1.69
C GLY A 11 -0.53 -6.54 -1.25
N TYR A 1 -7.34 -2.38 4.29
CA TYR A 1 -5.88 -2.10 4.15
C TYR A 1 -5.63 -0.59 4.31
N ARG A 2 -4.39 -0.16 4.04
CA ARG A 2 -4.04 1.26 4.13
C ARG A 2 -4.38 1.97 2.83
N GLN A 3 -5.31 2.92 2.90
CA GLN A 3 -5.74 3.67 1.72
C GLN A 3 -4.57 4.37 1.01
N SER A 4 -3.50 4.64 1.76
CA SER A 4 -2.32 5.29 1.19
C SER A 4 -1.75 4.45 0.07
N GLU A 5 -1.08 5.12 -0.88
CA GLU A 5 -0.45 4.40 -1.98
C GLU A 5 0.63 3.51 -1.39
N ALA A 6 0.25 2.26 -1.13
CA ALA A 6 1.15 1.29 -0.51
C ALA A 6 2.44 1.19 -1.29
N THR A 7 3.55 1.07 -0.56
CA THR A 7 4.87 0.99 -1.18
C THR A 7 5.56 -0.29 -0.75
N SER A 8 6.33 -0.88 -1.67
CA SER A 8 7.04 -2.15 -1.42
C SER A 8 6.06 -3.31 -1.37
N SER A 9 5.05 -3.19 -0.51
CA SER A 9 4.02 -4.20 -0.37
C SER A 9 3.29 -4.38 -1.70
N PHE A 10 2.93 -3.24 -2.30
CA PHE A 10 2.24 -3.23 -3.59
C PHE A 10 1.05 -4.21 -3.60
N GLY A 11 0.42 -4.36 -2.43
CA GLY A 11 -0.72 -5.27 -2.29
C GLY A 11 -0.81 -5.83 -0.87
N TYR A 1 -6.88 -2.71 4.92
CA TYR A 1 -6.43 -1.94 3.72
C TYR A 1 -5.80 -0.63 4.17
N ARG A 2 -4.75 -0.23 3.46
CA ARG A 2 -4.04 1.01 3.74
C ARG A 2 -4.47 2.07 2.73
N GLN A 3 -4.84 3.26 3.21
CA GLN A 3 -5.27 4.34 2.33
C GLN A 3 -4.15 4.71 1.36
N SER A 4 -2.92 4.72 1.86
CA SER A 4 -1.76 5.04 1.03
C SER A 4 -1.69 4.08 -0.15
N GLU A 5 -0.81 4.39 -1.11
CA GLU A 5 -0.65 3.54 -2.30
C GLU A 5 0.09 2.23 -2.02
N ALA A 6 0.26 1.88 -0.73
CA ALA A 6 0.95 0.65 -0.35
C ALA A 6 2.30 0.53 -1.06
N THR A 7 3.25 1.36 -0.65
CA THR A 7 4.58 1.35 -1.24
C THR A 7 5.35 0.16 -0.72
N SER A 8 6.17 -0.44 -1.58
CA SER A 8 6.97 -1.64 -1.23
C SER A 8 6.06 -2.86 -1.12
N SER A 9 5.02 -2.76 -0.31
CA SER A 9 4.06 -3.83 -0.12
C SER A 9 3.40 -4.16 -1.46
N PHE A 10 2.98 -3.12 -2.17
CA PHE A 10 2.32 -3.26 -3.47
C PHE A 10 1.23 -4.34 -3.44
N GLY A 11 0.56 -4.46 -2.28
CA GLY A 11 -0.50 -5.44 -2.10
C GLY A 11 -1.85 -4.87 -2.51
N TYR A 1 -7.02 -2.76 4.68
CA TYR A 1 -6.53 -1.98 3.52
C TYR A 1 -5.88 -0.69 4.02
N ARG A 2 -4.81 -0.29 3.34
CA ARG A 2 -4.08 0.93 3.67
C ARG A 2 -4.48 2.03 2.68
N GLN A 3 -4.82 3.21 3.20
CA GLN A 3 -5.22 4.32 2.34
C GLN A 3 -4.09 4.71 1.40
N SER A 4 -2.86 4.67 1.92
CA SER A 4 -1.68 5.00 1.11
C SER A 4 -1.62 4.06 -0.10
N GLU A 5 -0.74 4.40 -1.04
CA GLU A 5 -0.58 3.60 -2.26
C GLU A 5 0.16 2.27 -2.02
N ALA A 6 0.31 1.87 -0.74
CA ALA A 6 0.98 0.62 -0.40
C ALA A 6 2.34 0.52 -1.10
N THR A 7 3.29 1.34 -0.62
CA THR A 7 4.64 1.34 -1.19
C THR A 7 5.38 0.10 -0.73
N SER A 8 6.16 -0.51 -1.64
CA SER A 8 6.92 -1.74 -1.35
C SER A 8 5.97 -2.93 -1.26
N SER A 9 4.94 -2.79 -0.41
CA SER A 9 3.93 -3.83 -0.25
C SER A 9 3.21 -4.06 -1.57
N PHE A 10 2.88 -2.95 -2.25
CA PHE A 10 2.18 -3.00 -3.54
C PHE A 10 1.01 -3.99 -3.51
N GLY A 11 0.37 -4.12 -2.34
CA GLY A 11 -0.75 -5.04 -2.17
C GLY A 11 -0.70 -5.74 -0.83
N TYR A 1 -6.98 -2.63 4.84
CA TYR A 1 -6.51 -1.85 3.65
C TYR A 1 -5.86 -0.56 4.13
N ARG A 2 -4.79 -0.16 3.42
CA ARG A 2 -4.07 1.06 3.73
C ARG A 2 -4.48 2.15 2.73
N GLN A 3 -4.83 3.32 3.23
CA GLN A 3 -5.25 4.43 2.38
C GLN A 3 -4.13 4.82 1.41
N SER A 4 -2.89 4.79 1.92
CA SER A 4 -1.73 5.12 1.10
C SER A 4 -1.65 4.19 -0.10
N GLU A 5 -0.76 4.49 -1.04
CA GLU A 5 -0.61 3.68 -2.26
C GLU A 5 0.10 2.34 -1.99
N ALA A 6 0.24 1.96 -0.71
CA ALA A 6 0.90 0.70 -0.34
C ALA A 6 2.25 0.56 -1.04
N THR A 7 3.22 1.37 -0.60
CA THR A 7 4.56 1.34 -1.19
C THR A 7 5.29 0.11 -0.69
N SER A 8 6.11 -0.48 -1.56
CA SER A 8 6.88 -1.70 -1.23
C SER A 8 5.95 -2.91 -1.17
N SER A 9 4.89 -2.80 -0.36
CA SER A 9 3.91 -3.86 -0.22
C SER A 9 3.25 -4.14 -1.57
N PHE A 10 2.85 -3.06 -2.25
CA PHE A 10 2.21 -3.16 -3.56
C PHE A 10 1.10 -4.22 -3.56
N GLY A 11 0.43 -4.35 -2.42
CA GLY A 11 -0.66 -5.33 -2.28
C GLY A 11 -0.12 -6.70 -1.91
N TYR A 1 -6.59 -3.18 4.06
CA TYR A 1 -6.19 -2.22 2.98
C TYR A 1 -5.59 -0.97 3.62
N ARG A 2 -4.58 -0.42 2.94
CA ARG A 2 -3.91 0.79 3.40
C ARG A 2 -4.42 1.98 2.58
N GLN A 3 -4.79 3.06 3.27
CA GLN A 3 -5.31 4.25 2.60
C GLN A 3 -4.28 4.80 1.62
N SER A 4 -3.00 4.78 2.03
CA SER A 4 -1.91 5.25 1.20
C SER A 4 -1.87 4.41 -0.08
N GLU A 5 -1.10 4.88 -1.08
CA GLU A 5 -0.99 4.16 -2.35
C GLU A 5 -0.13 2.87 -2.24
N ALA A 6 0.17 2.45 -1.00
CA ALA A 6 0.96 1.24 -0.76
C ALA A 6 2.35 1.34 -1.38
N THR A 7 3.36 1.01 -0.58
CA THR A 7 4.76 1.04 -1.03
C THR A 7 5.43 -0.30 -0.75
N SER A 8 6.34 -0.69 -1.65
CA SER A 8 7.10 -1.95 -1.53
C SER A 8 6.18 -3.18 -1.58
N SER A 9 5.39 -3.40 -0.51
CA SER A 9 4.47 -4.54 -0.47
C SER A 9 3.45 -4.41 -1.59
N PHE A 10 2.92 -3.20 -1.76
CA PHE A 10 1.92 -2.92 -2.79
C PHE A 10 0.76 -3.92 -2.72
N GLY A 11 0.44 -4.35 -1.50
CA GLY A 11 -0.65 -5.31 -1.29
C GLY A 11 -1.99 -4.59 -1.17
N TYR A 1 -8.72 -2.67 3.57
CA TYR A 1 -7.60 -2.06 4.32
C TYR A 1 -7.23 -0.72 3.68
N ARG A 2 -7.73 0.38 4.26
CA ARG A 2 -7.41 1.70 3.74
C ARG A 2 -5.97 2.03 4.05
N GLN A 3 -5.21 2.37 3.01
CA GLN A 3 -3.80 2.68 3.16
C GLN A 3 -3.33 3.55 2.00
N SER A 4 -2.31 4.36 2.26
CA SER A 4 -1.74 5.22 1.22
C SER A 4 -1.32 4.38 0.04
N GLU A 5 -0.85 5.03 -1.04
CA GLU A 5 -0.38 4.29 -2.20
C GLU A 5 0.86 3.53 -1.77
N ALA A 6 0.63 2.32 -1.24
CA ALA A 6 1.71 1.49 -0.73
C ALA A 6 2.76 1.25 -1.80
N THR A 7 4.03 1.30 -1.37
CA THR A 7 5.15 1.12 -2.29
C THR A 7 6.01 -0.03 -1.84
N SER A 8 6.56 -0.78 -2.80
CA SER A 8 7.41 -1.95 -2.51
C SER A 8 6.57 -3.10 -1.98
N SER A 9 5.82 -2.83 -0.91
CA SER A 9 4.94 -3.82 -0.31
C SER A 9 3.90 -4.28 -1.33
N PHE A 10 3.31 -3.29 -2.02
CA PHE A 10 2.30 -3.56 -3.05
C PHE A 10 1.23 -4.55 -2.54
N GLY A 11 0.94 -4.48 -1.24
CA GLY A 11 -0.05 -5.35 -0.63
C GLY A 11 -1.47 -4.86 -0.91
N TYR A 1 -7.53 -1.65 5.37
CA TYR A 1 -7.02 -0.94 4.17
C TYR A 1 -6.25 0.31 4.61
N ARG A 2 -5.18 0.60 3.87
CA ARG A 2 -4.36 1.78 4.15
C ARG A 2 -4.70 2.87 3.14
N GLN A 3 -4.91 4.08 3.64
CA GLN A 3 -5.27 5.22 2.77
C GLN A 3 -4.15 5.48 1.76
N SER A 4 -2.91 5.35 2.22
CA SER A 4 -1.75 5.55 1.35
C SER A 4 -1.81 4.58 0.17
N GLU A 5 -0.94 4.78 -0.81
CA GLU A 5 -0.91 3.92 -2.00
C GLU A 5 -0.29 2.54 -1.72
N ALA A 6 -0.12 2.19 -0.44
CA ALA A 6 0.45 0.90 -0.06
C ALA A 6 1.79 0.66 -0.77
N THR A 7 2.79 1.45 -0.39
CA THR A 7 4.12 1.31 -0.98
C THR A 7 4.81 0.08 -0.45
N SER A 8 5.61 -0.53 -1.32
CA SER A 8 6.33 -1.77 -0.99
C SER A 8 5.35 -2.91 -0.66
N SER A 9 4.06 -2.68 -0.88
CA SER A 9 3.02 -3.67 -0.65
C SER A 9 2.40 -4.05 -2.01
N PHE A 10 3.24 -3.98 -3.04
CA PHE A 10 2.83 -4.25 -4.42
C PHE A 10 2.36 -5.69 -4.57
N GLY A 11 3.06 -6.61 -3.91
CA GLY A 11 2.72 -8.03 -3.98
C GLY A 11 2.06 -8.49 -2.67
N TYR A 1 -7.94 -1.79 4.41
CA TYR A 1 -7.35 -0.93 3.35
C TYR A 1 -6.48 0.14 4.01
N ARG A 2 -5.37 0.45 3.35
CA ARG A 2 -4.43 1.46 3.84
C ARG A 2 -4.65 2.75 3.04
N GLN A 3 -4.76 3.88 3.75
CA GLN A 3 -4.98 5.17 3.10
C GLN A 3 -3.83 5.49 2.15
N SER A 4 -2.61 5.16 2.56
CA SER A 4 -1.43 5.39 1.73
C SER A 4 -1.59 4.67 0.40
N GLU A 5 -0.62 4.86 -0.49
CA GLU A 5 -0.66 4.23 -1.82
C GLU A 5 -0.18 2.77 -1.77
N ALA A 6 -0.06 2.19 -0.56
CA ALA A 6 0.38 0.81 -0.41
C ALA A 6 1.68 0.58 -1.18
N THR A 7 2.62 1.50 -1.02
CA THR A 7 3.91 1.39 -1.71
C THR A 7 4.75 0.33 -1.04
N SER A 8 5.53 -0.39 -1.86
CA SER A 8 6.37 -1.50 -1.39
C SER A 8 5.52 -2.73 -1.08
N SER A 9 4.34 -2.49 -0.49
CA SER A 9 3.39 -3.55 -0.16
C SER A 9 2.54 -3.87 -1.40
N PHE A 10 3.22 -4.02 -2.54
CA PHE A 10 2.56 -4.30 -3.81
C PHE A 10 1.84 -5.64 -3.77
N GLY A 11 2.48 -6.62 -3.14
CA GLY A 11 1.89 -7.96 -3.02
C GLY A 11 2.90 -8.94 -2.44
N TYR A 1 -10.85 1.62 1.98
CA TYR A 1 -9.39 1.33 1.98
C TYR A 1 -8.63 2.57 2.43
N ARG A 2 -7.89 2.44 3.53
CA ARG A 2 -7.08 3.54 4.04
C ARG A 2 -5.80 3.60 3.21
N GLN A 3 -5.40 4.81 2.82
CA GLN A 3 -4.19 4.98 1.99
C GLN A 3 -2.97 4.40 2.69
N SER A 4 -2.71 3.12 2.41
CA SER A 4 -1.58 2.41 2.99
C SER A 4 -0.44 2.32 1.98
N GLU A 5 0.77 2.01 2.48
CA GLU A 5 1.94 1.87 1.61
C GLU A 5 1.98 0.46 0.98
N ALA A 6 0.87 -0.28 1.05
CA ALA A 6 0.79 -1.62 0.47
C ALA A 6 1.01 -1.57 -1.02
N THR A 7 0.45 -0.54 -1.64
CA THR A 7 0.55 -0.36 -3.08
C THR A 7 1.95 0.09 -3.42
N SER A 8 2.44 -0.33 -4.59
CA SER A 8 3.80 -0.01 -5.04
C SER A 8 4.81 -0.88 -4.30
N SER A 9 4.72 -0.87 -2.96
CA SER A 9 5.60 -1.66 -2.12
C SER A 9 5.40 -3.14 -2.45
N PHE A 10 4.14 -3.56 -2.55
CA PHE A 10 3.79 -4.94 -2.86
C PHE A 10 4.60 -5.94 -2.01
N GLY A 11 4.89 -5.53 -0.76
CA GLY A 11 5.66 -6.38 0.15
C GLY A 11 6.64 -5.54 0.97
N TYR A 1 -7.00 -2.74 4.31
CA TYR A 1 -6.55 -1.80 3.25
C TYR A 1 -6.13 -0.49 3.90
N ARG A 2 -4.97 0.01 3.46
CA ARG A 2 -4.44 1.28 3.95
C ARG A 2 -4.70 2.37 2.91
N GLN A 3 -4.92 3.59 3.37
CA GLN A 3 -5.20 4.71 2.45
C GLN A 3 -4.02 4.93 1.51
N SER A 4 -2.80 4.77 2.03
CA SER A 4 -1.61 4.94 1.23
C SER A 4 -1.63 3.96 0.05
N GLU A 5 -0.84 4.25 -0.98
CA GLU A 5 -0.78 3.40 -2.17
C GLU A 5 -0.01 2.09 -1.94
N ALA A 6 0.25 1.74 -0.67
CA ALA A 6 0.97 0.51 -0.35
C ALA A 6 2.30 0.44 -1.09
N THR A 7 3.24 1.30 -0.68
CA THR A 7 4.56 1.35 -1.30
C THR A 7 5.38 0.15 -0.85
N SER A 8 6.13 -0.44 -1.78
CA SER A 8 6.96 -1.64 -1.48
C SER A 8 6.05 -2.86 -1.34
N SER A 9 5.05 -2.75 -0.47
CA SER A 9 4.10 -3.83 -0.26
C SER A 9 3.34 -4.11 -1.55
N PHE A 10 2.94 -3.03 -2.23
CA PHE A 10 2.21 -3.13 -3.50
C PHE A 10 1.08 -4.19 -3.42
N GLY A 11 0.50 -4.32 -2.23
CA GLY A 11 -0.59 -5.28 -2.02
C GLY A 11 -0.04 -6.61 -1.51
N TYR A 1 -6.87 -2.71 4.92
CA TYR A 1 -6.41 -1.96 3.72
C TYR A 1 -5.78 -0.63 4.17
N ARG A 2 -4.73 -0.24 3.45
CA ARG A 2 -4.02 1.00 3.73
C ARG A 2 -4.46 2.06 2.71
N GLN A 3 -4.82 3.24 3.21
CA GLN A 3 -5.27 4.33 2.33
C GLN A 3 -4.16 4.71 1.36
N SER A 4 -2.92 4.71 1.85
CA SER A 4 -1.76 5.04 1.02
C SER A 4 -1.68 4.07 -0.16
N GLU A 5 -0.81 4.38 -1.12
CA GLU A 5 -0.65 3.53 -2.31
C GLU A 5 0.10 2.22 -2.01
N ALA A 6 0.26 1.87 -0.72
CA ALA A 6 0.95 0.64 -0.34
C ALA A 6 2.31 0.52 -1.05
N THR A 7 3.25 1.36 -0.64
CA THR A 7 4.58 1.35 -1.24
C THR A 7 5.36 0.15 -0.71
N SER A 8 6.17 -0.45 -1.57
CA SER A 8 6.97 -1.64 -1.23
C SER A 8 6.06 -2.87 -1.12
N SER A 9 5.01 -2.76 -0.30
CA SER A 9 4.05 -3.82 -0.12
C SER A 9 3.38 -4.15 -1.45
N PHE A 10 2.96 -3.10 -2.16
CA PHE A 10 2.31 -3.25 -3.46
C PHE A 10 1.20 -4.32 -3.41
N GLY A 11 0.54 -4.43 -2.26
CA GLY A 11 -0.52 -5.42 -2.08
C GLY A 11 -1.86 -4.85 -2.55
N TYR A 1 -6.50 -2.34 5.35
CA TYR A 1 -6.03 -1.63 4.12
C TYR A 1 -5.75 -0.17 4.46
N ARG A 2 -4.64 0.33 3.93
CA ARG A 2 -4.25 1.73 4.15
C ARG A 2 -4.60 2.55 2.91
N GLN A 3 -5.38 3.62 3.12
CA GLN A 3 -5.81 4.48 2.01
C GLN A 3 -4.61 5.05 1.23
N SER A 4 -3.48 5.21 1.93
CA SER A 4 -2.27 5.74 1.31
C SER A 4 -1.80 4.81 0.20
N GLU A 5 -1.12 5.39 -0.80
CA GLU A 5 -0.59 4.58 -1.88
C GLU A 5 0.47 3.66 -1.28
N ALA A 6 0.04 2.45 -0.95
CA ALA A 6 0.94 1.47 -0.31
C ALA A 6 2.20 1.29 -1.12
N THR A 7 3.33 1.19 -0.42
CA THR A 7 4.63 1.05 -1.07
C THR A 7 5.30 -0.22 -0.61
N SER A 8 5.98 -0.90 -1.54
CA SER A 8 6.66 -2.18 -1.28
C SER A 8 5.61 -3.29 -1.14
N SER A 9 4.62 -3.04 -0.28
CA SER A 9 3.52 -3.97 -0.06
C SER A 9 2.50 -3.82 -1.21
N PHE A 10 3.01 -3.92 -2.44
CA PHE A 10 2.18 -3.77 -3.63
C PHE A 10 1.13 -4.88 -3.71
N GLY A 11 1.53 -6.10 -3.34
CA GLY A 11 0.63 -7.24 -3.36
C GLY A 11 1.37 -8.51 -3.79
N TYR A 1 -7.58 -1.96 5.03
CA TYR A 1 -6.26 -2.05 4.36
C TYR A 1 -5.55 -0.69 4.47
N ARG A 2 -4.44 -0.53 3.73
CA ARG A 2 -3.68 0.72 3.75
C ARG A 2 -4.20 1.65 2.64
N GLN A 3 -4.74 2.80 3.05
CA GLN A 3 -5.28 3.77 2.11
C GLN A 3 -4.19 4.28 1.17
N SER A 4 -2.98 4.49 1.71
CA SER A 4 -1.86 4.97 0.92
C SER A 4 -1.66 4.10 -0.32
N GLU A 5 -0.70 4.48 -1.18
CA GLU A 5 -0.43 3.73 -2.40
C GLU A 5 0.29 2.40 -2.12
N ALA A 6 0.32 1.96 -0.85
CA ALA A 6 0.95 0.69 -0.48
C ALA A 6 2.34 0.56 -1.12
N THR A 7 3.28 1.39 -0.67
CA THR A 7 4.64 1.36 -1.20
C THR A 7 5.36 0.15 -0.64
N SER A 8 6.17 -0.49 -1.48
CA SER A 8 6.91 -1.71 -1.08
C SER A 8 5.96 -2.89 -0.99
N SER A 9 4.90 -2.72 -0.20
CA SER A 9 3.88 -3.75 -0.03
C SER A 9 3.23 -4.04 -1.37
N PHE A 10 2.92 -2.99 -2.12
CA PHE A 10 2.29 -3.11 -3.44
C PHE A 10 1.12 -4.11 -3.42
N GLY A 11 0.43 -4.17 -2.28
CA GLY A 11 -0.71 -5.07 -2.13
C GLY A 11 -1.87 -4.66 -3.02
N TYR A 1 -10.51 1.63 1.32
CA TYR A 1 -9.39 1.16 2.17
C TYR A 1 -8.52 2.36 2.57
N ARG A 2 -7.88 2.26 3.74
CA ARG A 2 -7.00 3.34 4.19
C ARG A 2 -5.80 3.43 3.25
N GLN A 3 -5.48 4.65 2.79
CA GLN A 3 -4.36 4.84 1.87
C GLN A 3 -3.05 4.44 2.52
N SER A 4 -2.71 3.17 2.38
CA SER A 4 -1.47 2.62 2.95
C SER A 4 -0.40 2.50 1.88
N GLU A 5 0.85 2.33 2.31
CA GLU A 5 1.96 2.18 1.37
C GLU A 5 2.07 0.73 0.86
N ALA A 6 1.01 -0.07 1.09
CA ALA A 6 0.98 -1.46 0.64
C ALA A 6 1.09 -1.54 -0.87
N THR A 7 0.42 -0.60 -1.54
CA THR A 7 0.40 -0.55 -2.99
C THR A 7 1.75 -0.05 -3.46
N SER A 8 2.18 -0.55 -4.63
CA SER A 8 3.49 -0.19 -5.21
C SER A 8 4.60 -0.92 -4.47
N SER A 9 4.60 -0.78 -3.14
CA SER A 9 5.59 -1.44 -2.30
C SER A 9 5.48 -2.95 -2.48
N PHE A 10 4.24 -3.46 -2.43
CA PHE A 10 3.97 -4.89 -2.60
C PHE A 10 4.90 -5.73 -1.72
N GLY A 11 5.26 -5.19 -0.55
CA GLY A 11 6.15 -5.90 0.38
C GLY A 11 5.38 -6.96 1.16
N TYR A 1 -7.57 -1.70 4.80
CA TYR A 1 -6.11 -1.51 4.61
C TYR A 1 -5.77 -0.02 4.69
N ARG A 2 -4.52 0.33 4.35
CA ARG A 2 -4.08 1.73 4.38
C ARG A 2 -4.45 2.41 3.06
N GLN A 3 -5.34 3.41 3.15
CA GLN A 3 -5.78 4.15 1.96
C GLN A 3 -4.61 4.79 1.20
N SER A 4 -3.51 5.05 1.91
CA SER A 4 -2.33 5.64 1.29
C SER A 4 -1.82 4.75 0.17
N GLU A 5 -1.15 5.36 -0.80
CA GLU A 5 -0.57 4.59 -1.90
C GLU A 5 0.48 3.68 -1.30
N ALA A 6 0.07 2.46 -1.00
CA ALA A 6 0.96 1.48 -0.38
C ALA A 6 2.24 1.31 -1.18
N THR A 7 3.35 1.21 -0.46
CA THR A 7 4.66 1.08 -1.10
C THR A 7 5.32 -0.21 -0.64
N SER A 8 6.02 -0.87 -1.57
CA SER A 8 6.69 -2.16 -1.30
C SER A 8 5.65 -3.26 -1.18
N SER A 9 4.65 -3.03 -0.33
CA SER A 9 3.56 -3.96 -0.13
C SER A 9 2.55 -3.81 -1.29
N PHE A 10 3.07 -3.90 -2.51
CA PHE A 10 2.25 -3.75 -3.71
C PHE A 10 1.21 -4.86 -3.80
N GLY A 11 1.62 -6.08 -3.43
CA GLY A 11 0.72 -7.23 -3.48
C GLY A 11 1.51 -8.54 -3.53
N TYR A 1 -7.87 -1.42 4.22
CA TYR A 1 -6.60 -1.47 3.44
C TYR A 1 -5.66 -0.36 3.94
N ARG A 2 -4.55 -0.13 3.22
CA ARG A 2 -3.61 0.92 3.61
C ARG A 2 -3.94 2.23 2.88
N GLN A 3 -4.20 3.27 3.65
CA GLN A 3 -4.56 4.58 3.09
C GLN A 3 -3.46 5.10 2.17
N SER A 4 -2.20 4.83 2.52
CA SER A 4 -1.06 5.26 1.70
C SER A 4 -1.28 4.88 0.24
N GLU A 5 -0.34 5.29 -0.62
CA GLU A 5 -0.43 4.95 -2.04
C GLU A 5 0.04 3.50 -2.24
N ALA A 6 -0.52 2.59 -1.42
CA ALA A 6 -0.19 1.17 -1.48
C ALA A 6 1.32 0.95 -1.63
N THR A 7 2.07 1.60 -0.75
CA THR A 7 3.52 1.47 -0.77
C THR A 7 3.92 0.11 -0.21
N SER A 8 4.59 -0.68 -1.06
CA SER A 8 5.04 -2.04 -0.68
C SER A 8 3.87 -3.02 -0.53
N SER A 9 2.64 -2.53 -0.63
CA SER A 9 1.46 -3.38 -0.53
C SER A 9 1.48 -4.39 -1.67
N PHE A 10 1.87 -3.91 -2.85
CA PHE A 10 1.95 -4.73 -4.05
C PHE A 10 2.88 -5.94 -3.83
N GLY A 11 3.86 -5.79 -2.94
CA GLY A 11 4.81 -6.87 -2.64
C GLY A 11 4.37 -7.66 -1.42
N TYR A 1 -7.33 -2.10 5.00
CA TYR A 1 -6.84 -1.33 3.83
C TYR A 1 -6.10 -0.08 4.33
N ARG A 2 -5.02 0.26 3.61
CA ARG A 2 -4.23 1.44 3.94
C ARG A 2 -4.59 2.56 2.97
N GLN A 3 -4.84 3.75 3.51
CA GLN A 3 -5.22 4.91 2.69
C GLN A 3 -4.09 5.24 1.71
N SER A 4 -2.85 5.12 2.18
CA SER A 4 -1.68 5.39 1.34
C SER A 4 -1.70 4.48 0.12
N GLU A 5 -0.80 4.75 -0.84
CA GLU A 5 -0.73 3.95 -2.06
C GLU A 5 -0.07 2.57 -1.83
N ALA A 6 0.05 2.15 -0.55
CA ALA A 6 0.65 0.86 -0.23
C ALA A 6 1.98 0.66 -0.96
N THR A 7 2.96 1.50 -0.61
CA THR A 7 4.28 1.42 -1.24
C THR A 7 5.04 0.23 -0.69
N SER A 8 5.77 -0.45 -1.57
CA SER A 8 6.53 -1.67 -1.21
C SER A 8 5.59 -2.85 -1.02
N SER A 9 4.42 -2.59 -0.41
CA SER A 9 3.40 -3.60 -0.19
C SER A 9 2.52 -3.72 -1.45
N PHE A 10 3.20 -3.80 -2.60
CA PHE A 10 2.52 -3.89 -3.90
C PHE A 10 1.69 -5.17 -3.99
N GLY A 11 2.25 -6.27 -3.46
CA GLY A 11 1.56 -7.55 -3.48
C GLY A 11 0.48 -7.62 -2.41
N TYR A 1 -8.27 -1.28 1.80
CA TYR A 1 -7.41 -0.44 2.67
C TYR A 1 -7.73 1.04 2.43
N ARG A 2 -7.79 1.79 3.52
CA ARG A 2 -8.07 3.23 3.46
C ARG A 2 -6.77 4.03 3.61
N GLN A 3 -6.54 4.97 2.70
CA GLN A 3 -5.32 5.79 2.76
C GLN A 3 -4.09 4.89 2.67
N SER A 4 -4.10 4.03 1.65
CA SER A 4 -3.01 3.09 1.43
C SER A 4 -1.70 3.83 1.17
N GLU A 5 -0.62 3.30 1.73
CA GLU A 5 0.72 3.89 1.55
C GLU A 5 1.74 2.80 1.20
N ALA A 6 1.27 1.62 0.78
CA ALA A 6 2.16 0.52 0.42
C ALA A 6 2.36 0.51 -1.09
N THR A 7 3.57 0.85 -1.52
CA THR A 7 3.89 0.88 -2.94
C THR A 7 5.11 0.01 -3.20
N SER A 8 5.14 -0.65 -4.36
CA SER A 8 6.25 -1.55 -4.74
C SER A 8 6.15 -2.86 -3.95
N SER A 9 6.05 -2.73 -2.63
CA SER A 9 5.92 -3.89 -1.75
C SER A 9 4.65 -4.67 -2.11
N PHE A 10 3.55 -3.93 -2.27
CA PHE A 10 2.25 -4.52 -2.61
C PHE A 10 1.95 -5.75 -1.74
N GLY A 11 2.41 -5.70 -0.48
CA GLY A 11 2.19 -6.80 0.46
C GLY A 11 3.39 -7.73 0.51
N TYR A 1 -7.04 -2.87 3.81
CA TYR A 1 -6.50 -1.94 2.77
C TYR A 1 -5.92 -0.71 3.45
N ARG A 2 -4.82 -0.22 2.89
CA ARG A 2 -4.15 0.98 3.39
C ARG A 2 -4.52 2.17 2.51
N GLN A 3 -4.93 3.28 3.14
CA GLN A 3 -5.31 4.48 2.39
C GLN A 3 -4.14 5.00 1.57
N SER A 4 -2.93 4.91 2.15
CA SER A 4 -1.72 5.36 1.46
C SER A 4 -1.57 4.63 0.14
N GLU A 5 -0.61 5.06 -0.68
CA GLU A 5 -0.37 4.44 -1.99
C GLU A 5 0.35 3.09 -1.87
N ALA A 6 0.39 2.51 -0.65
CA ALA A 6 1.04 1.22 -0.42
C ALA A 6 2.46 1.20 -0.99
N THR A 7 3.44 1.43 -0.12
CA THR A 7 4.84 1.43 -0.52
C THR A 7 5.29 -0.02 -0.77
N SER A 8 6.16 -0.20 -1.75
CA SER A 8 6.66 -1.54 -2.09
C SER A 8 5.51 -2.50 -2.44
N SER A 9 4.30 -1.94 -2.67
CA SER A 9 3.13 -2.73 -3.04
C SER A 9 3.07 -4.10 -2.33
N PHE A 10 2.92 -4.05 -1.01
CA PHE A 10 2.84 -5.27 -0.21
C PHE A 10 1.64 -6.12 -0.64
N GLY A 11 0.53 -5.46 -0.92
CA GLY A 11 -0.70 -6.15 -1.35
C GLY A 11 -0.49 -6.81 -2.71
#